data_8KHV
#
_entry.id   8KHV
#
_cell.length_a   45.917
_cell.length_b   82.096
_cell.length_c   79.885
_cell.angle_alpha   90.000
_cell.angle_beta   106.590
_cell.angle_gamma   90.000
#
_symmetry.space_group_name_H-M   'P 1 21 1'
#
loop_
_entity.id
_entity.type
_entity.pdbx_description
1 polymer 'Heparinase II/III-like protein'
2 non-polymer 'MANGANESE (II) ION'
3 non-polymer 'CALCIUM ION'
4 water water
#
_entity_poly.entity_id   1
_entity_poly.type   'polypeptide(L)'
_entity_poly.pdbx_seq_one_letter_code
;MQPSQVSNNGPMPGHPRLLLLSGEEDALKRTISADKTWEKLHQAIVAECDQLVGIEPLKRIQIGRRLLDKSREALRRIFY
LSYAWRMTHQLNYLQRAETELLTIAAFSDWNPTHFLDVAEMTMAVSIGYDWLYNDLSEQSRSTIKEAILKKGIEPSMDSK
YNSWLRSSNNWNQVCNAGITYGAIAVYEDQPEQSKALISRAVSAVVLPMGDYKPDGAYPEGYSYWGYGTSFNVMLISALD
KLFGNDFGLSAQPGFLKTAGYLENMTAPSGNAYNYSDSGLSGELQPAMFWFAKKLNDPSLLWVERSRLMNSNPQNHLRNR
LLPAALLWSNGVKVAQMNAPKEAMWVGEGKTPVALMRTSWTDPAAIFVGMKGGSPGTSHAHMDVGSFVMEADGVRWAMDF
GMQEYESLESKGVDLWNMKQNSQRWQILRYNNFAHNTLSINDELQAVDGKAPLTAHSSSANFMNAQVDLSSLYKQSIAKA
NRGIAVVDKAYVVVQDEIETSPAEATVRWTLLTSATVKVTGANQAELTKDGKVLTIQVMEPAQIDFKTWPTEPVYDFDAP
NPGTTLVGFEVKLPANTKSVIQVTLTPGSSAGQKKKPVEPLSQWPRLEHHHHHH
;
_entity_poly.pdbx_strand_id   A
#
# COMPACT_ATOMS: atom_id res chain seq x y z
N MET A 12 -20.46 -29.08 -3.33
CA MET A 12 -20.35 -27.62 -3.27
C MET A 12 -21.47 -27.01 -2.44
N PRO A 13 -21.13 -26.03 -1.60
CA PRO A 13 -22.18 -25.29 -0.88
C PRO A 13 -23.15 -24.65 -1.85
N GLY A 14 -24.43 -24.69 -1.51
CA GLY A 14 -25.40 -23.84 -2.17
C GLY A 14 -25.24 -22.40 -1.66
N HIS A 15 -26.19 -21.56 -2.06
CA HIS A 15 -26.16 -20.17 -1.60
C HIS A 15 -26.49 -20.09 -0.11
N PRO A 16 -25.79 -19.24 0.65
CA PRO A 16 -24.68 -18.44 0.14
C PRO A 16 -23.40 -19.27 0.10
N ARG A 17 -22.64 -19.17 -0.99
CA ARG A 17 -21.38 -19.88 -1.10
C ARG A 17 -20.14 -18.99 -1.17
N LEU A 18 -20.29 -17.66 -1.07
CA LEU A 18 -19.16 -16.74 -1.08
C LEU A 18 -18.82 -16.27 0.33
N LEU A 19 -17.60 -16.58 0.80
CA LEU A 19 -16.98 -16.04 2.00
C LEU A 19 -17.61 -16.49 3.32
N LEU A 20 -18.94 -16.44 3.41
CA LEU A 20 -19.64 -16.75 4.65
C LEU A 20 -20.77 -17.72 4.32
N LEU A 21 -20.63 -18.97 4.76
CA LEU A 21 -21.54 -20.03 4.35
C LEU A 21 -22.81 -19.99 5.20
N SER A 22 -23.76 -20.86 4.81
CA SER A 22 -25.17 -20.76 5.19
C SER A 22 -25.45 -20.37 6.63
N GLY A 23 -24.90 -21.09 7.59
CA GLY A 23 -25.19 -20.80 8.98
C GLY A 23 -24.10 -20.11 9.75
N GLU A 24 -23.07 -19.61 9.09
CA GLU A 24 -21.88 -19.14 9.77
C GLU A 24 -22.04 -17.77 10.41
N GLU A 25 -23.14 -17.04 10.14
CA GLU A 25 -23.31 -15.74 10.78
C GLU A 25 -23.53 -15.87 12.28
N ASP A 26 -24.09 -17.00 12.73
CA ASP A 26 -24.41 -17.17 14.15
C ASP A 26 -23.15 -17.15 15.00
N ALA A 27 -22.16 -17.98 14.64
CA ALA A 27 -20.88 -17.96 15.35
C ALA A 27 -20.19 -16.60 15.22
N LEU A 28 -20.32 -15.95 14.06
CA LEU A 28 -19.75 -14.61 13.91
C LEU A 28 -20.36 -13.64 14.90
N LYS A 29 -21.69 -13.68 15.05
CA LYS A 29 -22.37 -12.79 15.99
C LYS A 29 -21.80 -12.94 17.40
N ARG A 30 -21.43 -14.15 17.80
CA ARG A 30 -20.99 -14.40 19.17
C ARG A 30 -19.66 -13.72 19.46
N THR A 31 -18.70 -13.86 18.55
CA THR A 31 -17.40 -13.22 18.77
C THR A 31 -17.55 -11.71 18.74
N ILE A 32 -18.41 -11.19 17.86
CA ILE A 32 -18.61 -9.75 17.75
C ILE A 32 -19.23 -9.20 19.03
N SER A 33 -20.18 -9.94 19.62
CA SER A 33 -20.78 -9.52 20.88
C SER A 33 -19.82 -9.61 22.05
N ALA A 34 -18.75 -10.39 21.93
CA ALA A 34 -17.80 -10.57 23.01
C ALA A 34 -16.67 -9.56 23.00
N ASP A 35 -16.56 -8.75 21.95
CA ASP A 35 -15.50 -7.75 21.85
C ASP A 35 -16.14 -6.38 21.63
N LYS A 36 -15.80 -5.44 22.51
CA LYS A 36 -16.39 -4.10 22.39
C LYS A 36 -15.99 -3.39 21.11
N THR A 37 -14.76 -3.60 20.66
CA THR A 37 -14.29 -2.92 19.46
C THR A 37 -14.99 -3.45 18.21
N TRP A 38 -15.04 -4.78 18.06
CA TRP A 38 -15.77 -5.35 16.93
C TRP A 38 -17.24 -4.96 16.98
N GLU A 39 -17.83 -4.93 18.18
CA GLU A 39 -19.25 -4.61 18.27
C GLU A 39 -19.52 -3.19 17.80
N LYS A 40 -18.62 -2.25 18.10
CA LYS A 40 -18.86 -0.88 17.69
C LYS A 40 -18.69 -0.71 16.18
N LEU A 41 -17.80 -1.51 15.57
CA LEU A 41 -17.70 -1.51 14.11
C LEU A 41 -18.96 -2.09 13.47
N HIS A 42 -19.44 -3.23 14.00
CA HIS A 42 -20.65 -3.83 13.49
C HIS A 42 -21.84 -2.88 13.59
N GLN A 43 -21.96 -2.17 14.71
CA GLN A 43 -23.09 -1.27 14.87
C GLN A 43 -22.98 -0.04 13.97
N ALA A 44 -21.75 0.41 13.69
CA ALA A 44 -21.58 1.51 12.74
C ALA A 44 -22.04 1.11 11.34
N ILE A 45 -21.77 -0.13 10.93
CA ILE A 45 -22.23 -0.61 9.63
C ILE A 45 -23.76 -0.67 9.61
N VAL A 46 -24.35 -1.23 10.67
CA VAL A 46 -25.81 -1.35 10.72
C VAL A 46 -26.45 0.03 10.66
N ALA A 47 -25.90 1.00 11.40
CA ALA A 47 -26.43 2.35 11.36
C ALA A 47 -26.18 3.01 10.01
N GLU A 48 -25.07 2.69 9.33
CA GLU A 48 -24.89 3.22 7.99
C GLU A 48 -25.93 2.64 7.03
N CYS A 49 -26.29 1.36 7.19
CA CYS A 49 -27.31 0.75 6.35
C CYS A 49 -28.67 1.43 6.55
N ASP A 50 -28.98 1.80 7.79
CA ASP A 50 -30.21 2.54 8.05
C ASP A 50 -30.24 3.82 7.24
N GLN A 51 -29.10 4.49 7.10
CA GLN A 51 -29.04 5.67 6.26
C GLN A 51 -29.20 5.30 4.79
N LEU A 52 -28.59 4.19 4.36
CA LEU A 52 -28.65 3.81 2.96
C LEU A 52 -30.08 3.52 2.51
N VAL A 53 -30.92 3.03 3.43
CA VAL A 53 -32.32 2.75 3.09
C VAL A 53 -32.99 3.97 2.46
N GLY A 54 -32.62 5.17 2.91
CA GLY A 54 -33.19 6.41 2.41
C GLY A 54 -32.41 7.11 1.30
N ILE A 55 -31.37 6.48 0.77
CA ILE A 55 -30.54 7.09 -0.27
C ILE A 55 -30.91 6.46 -1.61
N GLU A 56 -30.92 7.28 -2.66
CA GLU A 56 -31.39 6.84 -3.96
C GLU A 56 -30.40 5.87 -4.62
N PRO A 57 -30.90 4.94 -5.43
CA PRO A 57 -30.01 4.02 -6.15
C PRO A 57 -29.05 4.75 -7.07
N LEU A 58 -27.95 4.07 -7.38
CA LEU A 58 -26.93 4.62 -8.27
C LEU A 58 -27.44 4.77 -9.69
N LYS A 59 -26.84 5.73 -10.40
CA LYS A 59 -27.05 5.92 -11.83
C LYS A 59 -25.76 5.60 -12.58
N ARG A 60 -25.90 5.22 -13.84
CA ARG A 60 -24.76 4.83 -14.66
C ARG A 60 -24.17 6.07 -15.33
N ILE A 61 -23.46 6.86 -14.53
CA ILE A 61 -22.84 8.09 -14.99
C ILE A 61 -21.33 7.98 -14.76
N GLN A 62 -20.56 8.08 -15.85
CA GLN A 62 -19.11 8.04 -15.76
C GLN A 62 -18.56 9.40 -15.37
N ILE A 63 -17.33 9.39 -14.86
CA ILE A 63 -16.47 10.56 -14.80
C ILE A 63 -15.36 10.32 -15.81
N GLY A 64 -15.43 11.02 -16.94
CA GLY A 64 -14.49 10.74 -18.01
C GLY A 64 -14.71 9.33 -18.55
N ARG A 65 -13.63 8.57 -18.63
CA ARG A 65 -13.63 7.23 -19.20
C ARG A 65 -14.07 6.15 -18.23
N ARG A 66 -14.34 6.48 -16.96
CA ARG A 66 -14.48 5.50 -15.90
C ARG A 66 -15.86 5.56 -15.26
N LEU A 67 -16.47 4.39 -15.06
CA LEU A 67 -17.60 4.19 -14.16
C LEU A 67 -17.14 3.75 -12.76
N LEU A 68 -15.83 3.78 -12.50
CA LEU A 68 -15.28 3.09 -11.32
C LEU A 68 -15.83 3.61 -10.01
N ASP A 69 -16.11 4.92 -9.91
CA ASP A 69 -16.64 5.45 -8.67
C ASP A 69 -17.99 4.83 -8.34
N LYS A 70 -18.81 4.58 -9.36
CA LYS A 70 -20.10 3.94 -9.13
C LYS A 70 -19.96 2.46 -8.80
N SER A 71 -19.07 1.74 -9.50
CA SER A 71 -18.88 0.32 -9.19
C SER A 71 -18.38 0.16 -7.76
N ARG A 72 -17.49 1.04 -7.31
CA ARG A 72 -16.97 0.95 -5.95
C ARG A 72 -18.06 1.25 -4.93
N GLU A 73 -18.87 2.28 -5.19
CA GLU A 73 -19.97 2.58 -4.27
C GLU A 73 -21.01 1.47 -4.28
N ALA A 74 -21.24 0.85 -5.45
CA ALA A 74 -22.15 -0.29 -5.51
C ALA A 74 -21.64 -1.42 -4.64
N LEU A 75 -20.34 -1.71 -4.71
CA LEU A 75 -19.75 -2.73 -3.86
C LEU A 75 -19.93 -2.38 -2.39
N ARG A 76 -19.65 -1.13 -2.01
CA ARG A 76 -19.83 -0.72 -0.62
C ARG A 76 -21.29 -0.89 -0.18
N ARG A 77 -22.23 -0.37 -0.98
CA ARG A 77 -23.65 -0.45 -0.58
C ARG A 77 -24.13 -1.89 -0.49
N ILE A 78 -23.82 -2.73 -1.50
CA ILE A 78 -24.43 -4.06 -1.53
C ILE A 78 -23.78 -4.97 -0.51
N PHE A 79 -22.45 -4.86 -0.33
CA PHE A 79 -21.76 -5.63 0.70
C PHE A 79 -22.27 -5.25 2.10
N TYR A 80 -22.41 -3.95 2.36
CA TYR A 80 -22.87 -3.51 3.68
C TYR A 80 -24.29 -4.00 3.95
N LEU A 81 -25.19 -3.75 2.99
CA LEU A 81 -26.60 -4.13 3.17
C LEU A 81 -26.77 -5.65 3.23
N SER A 82 -26.00 -6.39 2.43
CA SER A 82 -26.16 -7.85 2.45
C SER A 82 -25.65 -8.41 3.76
N TYR A 83 -24.55 -7.85 4.26
CA TYR A 83 -24.07 -8.22 5.60
C TYR A 83 -25.12 -7.90 6.66
N ALA A 84 -25.70 -6.70 6.61
CA ALA A 84 -26.68 -6.31 7.62
C ALA A 84 -27.92 -7.21 7.57
N TRP A 85 -28.37 -7.55 6.37
CA TRP A 85 -29.51 -8.45 6.25
C TRP A 85 -29.22 -9.80 6.86
N ARG A 86 -28.05 -10.38 6.57
CA ARG A 86 -27.74 -11.70 7.11
C ARG A 86 -27.54 -11.66 8.62
N MET A 87 -27.10 -10.52 9.16
CA MET A 87 -26.85 -10.41 10.60
C MET A 87 -28.06 -9.96 11.41
N THR A 88 -29.03 -9.28 10.81
CA THR A 88 -30.18 -8.77 11.55
C THR A 88 -31.52 -9.26 11.04
N HIS A 89 -31.60 -9.73 9.79
CA HIS A 89 -32.86 -10.09 9.12
C HIS A 89 -33.88 -8.95 9.18
N GLN A 90 -33.40 -7.72 9.09
CA GLN A 90 -34.28 -6.56 8.94
C GLN A 90 -34.71 -6.44 7.47
N LEU A 91 -36.01 -6.51 7.23
CA LEU A 91 -36.52 -6.55 5.86
C LEU A 91 -36.06 -5.36 5.03
N ASN A 92 -35.97 -4.18 5.66
CA ASN A 92 -35.49 -2.97 4.99
C ASN A 92 -34.17 -3.18 4.24
N TYR A 93 -33.25 -3.94 4.84
CA TYR A 93 -31.94 -4.11 4.23
C TYR A 93 -32.03 -5.02 3.00
N LEU A 94 -32.82 -6.08 3.09
CA LEU A 94 -33.04 -6.96 1.95
C LEU A 94 -33.64 -6.19 0.78
N GLN A 95 -34.71 -5.44 1.04
CA GLN A 95 -35.43 -4.78 -0.04
C GLN A 95 -34.59 -3.65 -0.64
N ARG A 96 -33.87 -2.92 0.19
CA ARG A 96 -33.02 -1.84 -0.33
C ARG A 96 -31.90 -2.41 -1.18
N ALA A 97 -31.29 -3.51 -0.74
CA ALA A 97 -30.24 -4.15 -1.53
C ALA A 97 -30.78 -4.68 -2.84
N GLU A 98 -31.93 -5.35 -2.79
CA GLU A 98 -32.60 -5.81 -4.01
C GLU A 98 -32.84 -4.66 -4.99
N THR A 99 -33.32 -3.52 -4.49
CA THR A 99 -33.53 -2.36 -5.37
C THR A 99 -32.21 -1.92 -6.00
N GLU A 100 -31.13 -1.90 -5.22
CA GLU A 100 -29.84 -1.56 -5.82
C GLU A 100 -29.43 -2.58 -6.88
N LEU A 101 -29.66 -3.87 -6.60
CA LEU A 101 -29.25 -4.90 -7.56
C LEU A 101 -30.05 -4.80 -8.86
N LEU A 102 -31.36 -4.60 -8.75
CA LEU A 102 -32.17 -4.48 -9.96
C LEU A 102 -31.82 -3.22 -10.73
N THR A 103 -31.48 -2.14 -10.02
CA THR A 103 -31.08 -0.91 -10.71
C THR A 103 -29.82 -1.15 -11.53
N ILE A 104 -28.82 -1.79 -10.92
CA ILE A 104 -27.54 -2.00 -11.59
C ILE A 104 -27.70 -3.00 -12.72
N ALA A 105 -28.57 -4.00 -12.52
CA ALA A 105 -28.82 -4.97 -13.58
C ALA A 105 -29.36 -4.30 -14.83
N ALA A 106 -30.07 -3.17 -14.68
CA ALA A 106 -30.67 -2.47 -15.82
C ALA A 106 -29.71 -1.50 -16.51
N PHE A 107 -28.51 -1.29 -15.97
CA PHE A 107 -27.51 -0.49 -16.68
C PHE A 107 -27.26 -1.06 -18.06
N SER A 108 -27.01 -0.18 -19.04
CA SER A 108 -26.75 -0.66 -20.40
C SER A 108 -25.52 -1.56 -20.44
N ASP A 109 -24.49 -1.20 -19.68
CA ASP A 109 -23.29 -2.01 -19.53
C ASP A 109 -22.59 -1.55 -18.26
N TRP A 110 -21.55 -2.30 -17.87
CA TRP A 110 -20.76 -1.95 -16.71
C TRP A 110 -19.39 -1.38 -17.09
N ASN A 111 -19.26 -0.87 -18.32
CA ASN A 111 -18.12 -0.14 -18.89
C ASN A 111 -16.88 -1.02 -19.07
N PRO A 112 -16.94 -2.03 -19.94
CA PRO A 112 -15.79 -2.94 -20.08
C PRO A 112 -14.56 -2.29 -20.71
N THR A 113 -14.68 -1.10 -21.32
CA THR A 113 -13.47 -0.47 -21.85
C THR A 113 -12.55 0.05 -20.76
N HIS A 114 -13.01 0.10 -19.51
CA HIS A 114 -12.16 0.33 -18.34
C HIS A 114 -12.47 -0.80 -17.38
N PHE A 115 -11.85 -1.96 -17.56
CA PHE A 115 -12.45 -3.19 -17.06
C PHE A 115 -12.49 -3.28 -15.54
N LEU A 116 -11.67 -2.51 -14.82
CA LEU A 116 -11.84 -2.42 -13.37
C LEU A 116 -13.28 -2.12 -12.98
N ASP A 117 -13.98 -1.30 -13.79
CA ASP A 117 -15.38 -0.99 -13.52
C ASP A 117 -16.24 -2.25 -13.55
N VAL A 118 -16.03 -3.10 -14.54
CA VAL A 118 -16.79 -4.34 -14.66
C VAL A 118 -16.44 -5.28 -13.51
N ALA A 119 -15.15 -5.42 -13.21
CA ALA A 119 -14.72 -6.34 -12.15
C ALA A 119 -15.37 -5.97 -10.82
N GLU A 120 -15.27 -4.70 -10.44
CA GLU A 120 -15.82 -4.29 -9.15
C GLU A 120 -17.34 -4.33 -9.14
N MET A 121 -17.98 -3.98 -10.26
CA MET A 121 -19.43 -4.11 -10.33
C MET A 121 -19.85 -5.58 -10.25
N THR A 122 -19.12 -6.47 -10.94
CA THR A 122 -19.45 -7.88 -10.88
C THR A 122 -19.33 -8.41 -9.45
N MET A 123 -18.26 -8.03 -8.75
CA MET A 123 -18.14 -8.48 -7.37
C MET A 123 -19.33 -8.01 -6.54
N ALA A 124 -19.71 -6.74 -6.70
CA ALA A 124 -20.81 -6.18 -5.92
C ALA A 124 -22.10 -6.95 -6.16
N VAL A 125 -22.48 -7.09 -7.43
CA VAL A 125 -23.75 -7.74 -7.76
C VAL A 125 -23.70 -9.21 -7.37
N SER A 126 -22.52 -9.82 -7.43
CA SER A 126 -22.38 -11.24 -7.12
C SER A 126 -22.56 -11.50 -5.63
N ILE A 127 -21.94 -10.67 -4.79
CA ILE A 127 -22.11 -10.83 -3.35
C ILE A 127 -23.59 -10.68 -2.98
N GLY A 128 -24.26 -9.68 -3.55
CA GLY A 128 -25.67 -9.49 -3.22
C GLY A 128 -26.54 -10.64 -3.69
N TYR A 129 -26.36 -11.03 -4.95
CA TYR A 129 -27.06 -12.17 -5.52
C TYR A 129 -26.90 -13.41 -4.63
N ASP A 130 -25.66 -13.69 -4.24
CA ASP A 130 -25.39 -14.92 -3.50
C ASP A 130 -25.88 -14.85 -2.06
N TRP A 131 -25.63 -13.70 -1.38
CA TRP A 131 -26.00 -13.58 0.03
C TRP A 131 -27.51 -13.40 0.22
N LEU A 132 -28.21 -12.88 -0.79
CA LEU A 132 -29.65 -12.68 -0.69
C LEU A 132 -30.46 -13.73 -1.45
N TYR A 133 -29.79 -14.66 -2.14
CA TYR A 133 -30.45 -15.57 -3.09
C TYR A 133 -31.67 -16.25 -2.48
N ASN A 134 -31.49 -16.87 -1.32
CA ASN A 134 -32.56 -17.66 -0.72
C ASN A 134 -33.75 -16.82 -0.32
N ASP A 135 -33.60 -15.51 -0.25
CA ASP A 135 -34.68 -14.61 0.16
C ASP A 135 -35.19 -13.75 -0.99
N LEU A 136 -34.79 -14.04 -2.23
CA LEU A 136 -35.23 -13.29 -3.40
C LEU A 136 -36.24 -14.08 -4.22
N SER A 137 -37.10 -13.34 -4.91
CA SER A 137 -38.02 -13.94 -5.85
C SER A 137 -37.28 -14.54 -7.05
N GLU A 138 -37.95 -15.50 -7.72
CA GLU A 138 -37.40 -16.06 -8.96
C GLU A 138 -37.18 -14.97 -10.00
N GLN A 139 -38.10 -14.01 -10.08
CA GLN A 139 -37.96 -12.96 -11.09
C GLN A 139 -36.75 -12.08 -10.81
N SER A 140 -36.52 -11.72 -9.55
CA SER A 140 -35.34 -10.90 -9.24
C SER A 140 -34.06 -11.71 -9.44
N ARG A 141 -34.04 -12.98 -9.00
CA ARG A 141 -32.90 -13.84 -9.25
C ARG A 141 -32.55 -13.89 -10.73
N SER A 142 -33.57 -14.05 -11.59
CA SER A 142 -33.31 -14.20 -13.01
C SER A 142 -32.79 -12.91 -13.62
N THR A 143 -33.34 -11.77 -13.20
CA THR A 143 -32.87 -10.49 -13.68
C THR A 143 -31.40 -10.27 -13.32
N ILE A 144 -31.04 -10.53 -12.06
CA ILE A 144 -29.69 -10.27 -11.57
C ILE A 144 -28.71 -11.26 -12.17
N LYS A 145 -29.09 -12.52 -12.24
CA LYS A 145 -28.22 -13.54 -12.82
C LYS A 145 -27.85 -13.20 -14.26
N GLU A 146 -28.83 -12.73 -15.05
CA GLU A 146 -28.55 -12.42 -16.45
C GLU A 146 -27.61 -11.23 -16.58
N ALA A 147 -27.67 -10.27 -15.64
CA ALA A 147 -26.73 -9.14 -15.70
C ALA A 147 -25.32 -9.60 -15.36
N ILE A 148 -25.17 -10.44 -14.33
CA ILE A 148 -23.85 -11.00 -14.02
C ILE A 148 -23.26 -11.69 -15.25
N LEU A 149 -24.07 -12.52 -15.93
CA LEU A 149 -23.55 -13.28 -17.06
C LEU A 149 -23.23 -12.38 -18.24
N LYS A 150 -24.14 -11.48 -18.61
CA LYS A 150 -24.01 -10.75 -19.86
C LYS A 150 -23.18 -9.48 -19.75
N LYS A 151 -23.17 -8.84 -18.58
CA LYS A 151 -22.43 -7.59 -18.39
C LYS A 151 -21.17 -7.77 -17.56
N GLY A 152 -21.02 -8.90 -16.87
CA GLY A 152 -19.83 -9.20 -16.11
C GLY A 152 -18.98 -10.26 -16.75
N ILE A 153 -19.48 -11.50 -16.78
CA ILE A 153 -18.65 -12.63 -17.18
C ILE A 153 -18.35 -12.59 -18.68
N GLU A 154 -19.39 -12.36 -19.50
CA GLU A 154 -19.20 -12.46 -20.94
C GLU A 154 -18.15 -11.47 -21.49
N PRO A 155 -18.15 -10.20 -21.11
CA PRO A 155 -17.07 -9.31 -21.59
C PRO A 155 -15.69 -9.76 -21.16
N SER A 156 -15.58 -10.50 -20.04
CA SER A 156 -14.26 -10.97 -19.61
C SER A 156 -13.71 -12.04 -20.54
N MET A 157 -14.53 -12.62 -21.41
CA MET A 157 -14.07 -13.63 -22.36
C MET A 157 -13.71 -13.02 -23.71
N ASP A 158 -13.79 -11.71 -23.81
CA ASP A 158 -13.57 -10.99 -25.06
C ASP A 158 -12.13 -10.48 -25.10
N SER A 159 -11.41 -10.87 -26.17
CA SER A 159 -10.01 -10.44 -26.35
C SER A 159 -9.85 -8.93 -26.32
N LYS A 160 -10.88 -8.19 -26.74
CA LYS A 160 -10.73 -6.74 -26.74
C LYS A 160 -10.86 -6.14 -25.35
N TYR A 161 -11.20 -6.96 -24.34
CA TYR A 161 -11.40 -6.46 -22.99
C TYR A 161 -10.53 -7.12 -21.92
N ASN A 162 -9.90 -8.26 -22.18
CA ASN A 162 -9.35 -9.09 -21.12
C ASN A 162 -7.82 -9.18 -21.13
N SER A 163 -7.13 -8.16 -21.66
CA SER A 163 -5.67 -8.22 -21.71
C SER A 163 -5.04 -8.24 -20.32
N TRP A 164 -5.76 -7.79 -19.29
CA TRP A 164 -5.27 -7.86 -17.93
C TRP A 164 -4.96 -9.29 -17.48
N LEU A 165 -5.49 -10.30 -18.18
CA LEU A 165 -5.13 -11.68 -17.87
C LEU A 165 -3.63 -11.93 -18.04
N ARG A 166 -2.97 -11.15 -18.88
CA ARG A 166 -1.56 -11.25 -19.18
C ARG A 166 -0.70 -10.32 -18.34
N SER A 167 -1.30 -9.46 -17.55
CA SER A 167 -0.60 -8.43 -16.81
C SER A 167 -0.15 -8.93 -15.44
N SER A 168 0.89 -8.26 -14.92
CA SER A 168 1.42 -8.56 -13.59
C SER A 168 1.11 -7.44 -12.60
N ASN A 169 0.07 -6.65 -12.87
CA ASN A 169 -0.23 -5.52 -12.00
C ASN A 169 -1.55 -5.74 -11.26
N ASN A 170 -2.02 -4.70 -10.58
CA ASN A 170 -3.24 -4.82 -9.78
C ASN A 170 -4.45 -5.20 -10.62
N TRP A 171 -4.48 -4.83 -11.89
CA TRP A 171 -5.64 -5.16 -12.74
C TRP A 171 -5.89 -6.66 -12.79
N ASN A 172 -4.81 -7.44 -12.92
CA ASN A 172 -4.96 -8.90 -12.94
C ASN A 172 -5.63 -9.40 -11.66
N GLN A 173 -5.14 -8.96 -10.49
CA GLN A 173 -5.73 -9.41 -9.23
C GLN A 173 -7.18 -8.97 -9.12
N VAL A 174 -7.47 -7.71 -9.41
CA VAL A 174 -8.80 -7.16 -9.22
C VAL A 174 -9.79 -7.80 -10.20
N CYS A 175 -9.41 -7.91 -11.48
CA CYS A 175 -10.34 -8.40 -12.48
C CYS A 175 -10.56 -9.91 -12.32
N ASN A 176 -9.50 -10.67 -12.02
CA ASN A 176 -9.68 -12.09 -11.77
C ASN A 176 -10.54 -12.32 -10.53
N ALA A 177 -10.37 -11.50 -9.49
CA ALA A 177 -11.20 -11.67 -8.29
C ALA A 177 -12.66 -11.40 -8.63
N GLY A 178 -12.95 -10.28 -9.28
CA GLY A 178 -14.34 -9.91 -9.55
C GLY A 178 -15.05 -10.92 -10.43
N ILE A 179 -14.40 -11.35 -11.51
CA ILE A 179 -15.03 -12.31 -12.43
C ILE A 179 -15.19 -13.67 -11.75
N THR A 180 -14.23 -14.06 -10.91
CA THR A 180 -14.39 -15.30 -10.17
C THR A 180 -15.59 -15.25 -9.24
N TYR A 181 -15.82 -14.10 -8.60
CA TYR A 181 -17.02 -13.99 -7.76
C TYR A 181 -18.29 -14.18 -8.60
N GLY A 182 -18.28 -13.66 -9.83
CA GLY A 182 -19.41 -13.89 -10.71
C GLY A 182 -19.56 -15.35 -11.07
N ALA A 183 -18.46 -16.00 -11.46
CA ALA A 183 -18.53 -17.41 -11.84
C ALA A 183 -19.05 -18.27 -10.69
N ILE A 184 -18.64 -17.92 -9.47
CA ILE A 184 -19.12 -18.67 -8.30
C ILE A 184 -20.59 -18.41 -8.06
N ALA A 185 -20.99 -17.14 -8.15
CA ALA A 185 -22.36 -16.76 -7.80
C ALA A 185 -23.39 -17.42 -8.69
N VAL A 186 -23.08 -17.61 -9.97
CA VAL A 186 -24.03 -18.19 -10.93
C VAL A 186 -23.65 -19.61 -11.33
N TYR A 187 -22.84 -20.27 -10.50
CA TYR A 187 -22.25 -21.56 -10.83
C TYR A 187 -23.30 -22.56 -11.35
N GLU A 188 -24.43 -22.68 -10.66
CA GLU A 188 -25.40 -23.72 -10.99
C GLU A 188 -26.06 -23.53 -12.35
N ASP A 189 -26.02 -22.32 -12.91
CA ASP A 189 -26.53 -22.07 -14.25
C ASP A 189 -25.53 -22.43 -15.35
N GLN A 190 -24.25 -22.62 -15.01
CA GLN A 190 -23.24 -22.97 -16.01
C GLN A 190 -22.04 -23.63 -15.36
N PRO A 191 -22.20 -24.84 -14.81
CA PRO A 191 -21.13 -25.42 -13.97
C PRO A 191 -19.80 -25.62 -14.68
N GLU A 192 -19.82 -26.20 -15.89
CA GLU A 192 -18.55 -26.43 -16.59
C GLU A 192 -17.87 -25.11 -16.91
N GLN A 193 -18.65 -24.12 -17.34
CA GLN A 193 -18.11 -22.80 -17.69
C GLN A 193 -17.57 -22.05 -16.49
N SER A 194 -18.28 -22.09 -15.36
CA SER A 194 -17.74 -21.45 -14.16
C SER A 194 -16.49 -22.15 -13.65
N LYS A 195 -16.44 -23.49 -13.71
CA LYS A 195 -15.21 -24.17 -13.30
C LYS A 195 -14.04 -23.73 -14.16
N ALA A 196 -14.26 -23.58 -15.47
CA ALA A 196 -13.19 -23.13 -16.36
C ALA A 196 -12.78 -21.70 -16.05
N LEU A 197 -13.74 -20.86 -15.65
CA LEU A 197 -13.41 -19.49 -15.27
C LEU A 197 -12.62 -19.43 -13.98
N ILE A 198 -12.99 -20.26 -13.01
CA ILE A 198 -12.21 -20.33 -11.78
C ILE A 198 -10.78 -20.77 -12.09
N SER A 199 -10.64 -21.81 -12.92
CA SER A 199 -9.32 -22.29 -13.32
C SER A 199 -8.52 -21.19 -14.02
N ARG A 200 -9.17 -20.42 -14.89
CA ARG A 200 -8.49 -19.34 -15.60
C ARG A 200 -7.86 -18.34 -14.63
N ALA A 201 -8.63 -17.96 -13.60
CA ALA A 201 -8.16 -17.00 -12.61
C ALA A 201 -7.04 -17.57 -11.76
N VAL A 202 -7.16 -18.83 -11.34
CA VAL A 202 -6.12 -19.43 -10.51
C VAL A 202 -4.79 -19.45 -11.25
N SER A 203 -4.81 -19.74 -12.55
CA SER A 203 -3.57 -19.75 -13.32
C SER A 203 -3.04 -18.34 -13.56
N ALA A 204 -3.93 -17.40 -13.90
CA ALA A 204 -3.47 -16.07 -14.32
C ALA A 204 -3.00 -15.24 -13.14
N VAL A 205 -3.60 -15.39 -11.96
CA VAL A 205 -3.25 -14.53 -10.84
C VAL A 205 -1.85 -14.82 -10.30
N VAL A 206 -1.23 -15.93 -10.69
CA VAL A 206 0.15 -16.17 -10.30
C VAL A 206 1.08 -15.08 -10.84
N LEU A 207 0.72 -14.46 -11.97
CA LEU A 207 1.58 -13.41 -12.54
C LEU A 207 1.79 -12.24 -11.59
N PRO A 208 0.75 -11.53 -11.12
CA PRO A 208 1.02 -10.44 -10.16
C PRO A 208 1.53 -10.94 -8.83
N MET A 209 1.19 -12.17 -8.43
CA MET A 209 1.69 -12.68 -7.16
C MET A 209 3.20 -12.89 -7.17
N GLY A 210 3.83 -13.03 -8.35
CA GLY A 210 5.27 -13.18 -8.41
C GLY A 210 6.04 -12.02 -7.81
N ASP A 211 5.46 -10.83 -7.82
CA ASP A 211 6.17 -9.64 -7.38
C ASP A 211 6.23 -9.48 -5.87
N TYR A 212 5.55 -10.34 -5.11
CA TYR A 212 5.73 -10.40 -3.67
C TYR A 212 6.98 -11.20 -3.27
N LYS A 213 7.58 -11.93 -4.18
CA LYS A 213 8.70 -12.75 -3.77
C LYS A 213 9.96 -11.89 -3.62
N PRO A 214 10.87 -12.26 -2.70
CA PRO A 214 10.78 -13.44 -1.85
C PRO A 214 10.22 -13.14 -0.46
N ASP A 215 10.20 -11.87 -0.06
CA ASP A 215 9.97 -11.50 1.32
C ASP A 215 8.68 -10.74 1.57
N GLY A 216 7.85 -10.50 0.55
CA GLY A 216 6.60 -9.80 0.76
C GLY A 216 6.67 -8.29 0.72
N ALA A 217 7.83 -7.70 0.47
CA ALA A 217 7.88 -6.27 0.21
C ALA A 217 7.11 -5.96 -1.06
N TYR A 218 6.49 -4.77 -1.09
CA TYR A 218 5.66 -4.42 -2.23
C TYR A 218 6.43 -3.47 -3.13
N PRO A 219 6.70 -3.85 -4.38
CA PRO A 219 7.59 -3.02 -5.22
C PRO A 219 7.12 -1.59 -5.40
N GLU A 220 5.81 -1.35 -5.45
CA GLU A 220 5.27 -0.02 -5.69
C GLU A 220 4.92 0.73 -4.41
N GLY A 221 5.21 0.15 -3.25
CA GLY A 221 5.13 0.90 -2.01
C GLY A 221 3.76 0.90 -1.36
N TYR A 222 3.61 1.84 -0.42
CA TYR A 222 2.55 1.76 0.59
C TYR A 222 1.16 1.94 0.00
N SER A 223 0.97 2.97 -0.82
CA SER A 223 -0.39 3.29 -1.26
C SER A 223 -0.91 2.28 -2.29
N TYR A 224 -0.02 1.65 -3.04
CA TYR A 224 -0.47 0.69 -4.05
C TYR A 224 -0.67 -0.71 -3.50
N TRP A 225 -0.25 -0.96 -2.24
CA TRP A 225 -0.39 -2.27 -1.62
C TRP A 225 -1.86 -2.68 -1.52
N GLY A 226 -2.74 -1.73 -1.19
CA GLY A 226 -4.10 -2.09 -0.78
C GLY A 226 -4.92 -2.74 -1.89
N TYR A 227 -4.96 -2.15 -3.07
CA TYR A 227 -5.95 -2.52 -4.08
C TYR A 227 -5.81 -3.97 -4.55
N GLY A 228 -4.70 -4.26 -5.23
CA GLY A 228 -4.51 -5.62 -5.76
C GLY A 228 -4.45 -6.67 -4.67
N THR A 229 -3.70 -6.40 -3.60
CA THR A 229 -3.57 -7.39 -2.53
C THR A 229 -4.94 -7.75 -1.95
N SER A 230 -5.77 -6.73 -1.67
CA SER A 230 -7.06 -6.99 -1.05
C SER A 230 -7.95 -7.83 -1.94
N PHE A 231 -7.97 -7.52 -3.24
CA PHE A 231 -8.77 -8.33 -4.15
C PHE A 231 -8.19 -9.73 -4.33
N ASN A 232 -6.85 -9.84 -4.30
CA ASN A 232 -6.19 -11.15 -4.30
C ASN A 232 -6.64 -11.98 -3.09
N VAL A 233 -6.76 -11.33 -1.93
CA VAL A 233 -7.22 -12.01 -0.72
C VAL A 233 -8.70 -12.37 -0.81
N MET A 234 -9.54 -11.46 -1.34
CA MET A 234 -10.95 -11.81 -1.55
C MET A 234 -11.07 -13.08 -2.41
N LEU A 235 -10.20 -13.21 -3.40
CA LEU A 235 -10.23 -14.39 -4.27
C LEU A 235 -9.81 -15.65 -3.51
N ILE A 236 -8.69 -15.58 -2.79
CA ILE A 236 -8.18 -16.75 -2.09
C ILE A 236 -9.16 -17.21 -1.02
N SER A 237 -9.68 -16.24 -0.25
CA SER A 237 -10.62 -16.57 0.82
C SER A 237 -11.87 -17.23 0.29
N ALA A 238 -12.37 -16.76 -0.87
CA ALA A 238 -13.57 -17.36 -1.44
C ALA A 238 -13.31 -18.80 -1.88
N LEU A 239 -12.13 -19.04 -2.47
CA LEU A 239 -11.79 -20.42 -2.86
C LEU A 239 -11.66 -21.32 -1.64
N ASP A 240 -10.99 -20.84 -0.58
CA ASP A 240 -10.86 -21.61 0.65
C ASP A 240 -12.23 -22.01 1.20
N LYS A 241 -13.17 -21.06 1.25
CA LYS A 241 -14.49 -21.36 1.81
C LYS A 241 -15.30 -22.25 0.89
N LEU A 242 -15.13 -22.10 -0.42
CA LEU A 242 -15.94 -22.86 -1.37
C LEU A 242 -15.42 -24.27 -1.56
N PHE A 243 -14.11 -24.44 -1.72
CA PHE A 243 -13.53 -25.73 -2.06
C PHE A 243 -12.76 -26.37 -0.92
N GLY A 244 -12.53 -25.65 0.17
CA GLY A 244 -11.67 -26.16 1.21
C GLY A 244 -10.19 -26.02 0.93
N ASN A 245 -9.82 -25.39 -0.19
CA ASN A 245 -8.42 -25.19 -0.52
C ASN A 245 -8.33 -24.15 -1.62
N ASP A 246 -7.13 -23.61 -1.80
CA ASP A 246 -6.90 -22.47 -2.68
C ASP A 246 -5.99 -22.79 -3.85
N PHE A 247 -5.77 -24.07 -4.15
CA PHE A 247 -4.98 -24.50 -5.30
C PHE A 247 -3.56 -23.92 -5.26
N GLY A 248 -3.02 -23.80 -4.05
CA GLY A 248 -1.66 -23.34 -3.85
C GLY A 248 -1.42 -21.85 -3.94
N LEU A 249 -2.48 -21.03 -3.98
CA LEU A 249 -2.30 -19.61 -4.23
C LEU A 249 -1.62 -18.92 -3.05
N SER A 250 -2.09 -19.17 -1.82
CA SER A 250 -1.48 -18.49 -0.66
C SER A 250 -0.04 -18.92 -0.43
N ALA A 251 0.38 -20.06 -0.96
CA ALA A 251 1.77 -20.51 -0.81
C ALA A 251 2.73 -19.85 -1.79
N GLN A 252 2.26 -19.00 -2.71
CA GLN A 252 3.18 -18.34 -3.63
C GLN A 252 4.24 -17.57 -2.85
N PRO A 253 5.52 -17.73 -3.20
CA PRO A 253 6.62 -17.20 -2.36
C PRO A 253 6.48 -15.72 -2.03
N GLY A 254 6.50 -15.41 -0.74
CA GLY A 254 6.47 -14.05 -0.24
C GLY A 254 5.10 -13.47 -0.01
N PHE A 255 4.04 -14.07 -0.58
CA PHE A 255 2.72 -13.44 -0.51
C PHE A 255 2.24 -13.31 0.93
N LEU A 256 2.34 -14.39 1.72
CA LEU A 256 1.85 -14.33 3.08
C LEU A 256 2.69 -13.42 3.96
N LYS A 257 3.93 -13.12 3.55
CA LYS A 257 4.80 -12.23 4.29
C LYS A 257 4.44 -10.76 4.09
N THR A 258 3.56 -10.44 3.15
CA THR A 258 3.28 -9.04 2.84
C THR A 258 2.47 -8.34 3.93
N ALA A 259 1.79 -9.08 4.81
CA ALA A 259 1.15 -8.43 5.94
C ALA A 259 2.19 -7.83 6.88
N GLY A 260 3.27 -8.56 7.16
CA GLY A 260 4.33 -7.99 7.99
C GLY A 260 4.93 -6.75 7.36
N TYR A 261 5.11 -6.76 6.04
CA TYR A 261 5.55 -5.57 5.31
C TYR A 261 4.66 -4.37 5.64
N LEU A 262 3.35 -4.51 5.41
CA LEU A 262 2.45 -3.36 5.51
C LEU A 262 2.41 -2.84 6.95
N GLU A 263 2.37 -3.74 7.92
CA GLU A 263 2.38 -3.34 9.33
C GLU A 263 3.61 -2.49 9.65
N ASN A 264 4.79 -2.95 9.25
CA ASN A 264 6.02 -2.26 9.61
C ASN A 264 6.26 -0.99 8.79
N MET A 265 5.44 -0.76 7.75
CA MET A 265 5.56 0.46 6.94
C MET A 265 5.00 1.69 7.63
N THR A 266 4.33 1.51 8.78
CA THR A 266 3.78 2.60 9.57
C THR A 266 4.79 2.99 10.64
N ALA A 267 5.21 4.26 10.63
CA ALA A 267 6.14 4.79 11.63
C ALA A 267 5.41 5.08 12.94
N PRO A 268 6.16 5.36 14.02
CA PRO A 268 5.49 5.69 15.30
C PRO A 268 4.48 6.82 15.20
N SER A 269 4.69 7.79 14.30
CA SER A 269 3.73 8.86 14.07
C SER A 269 2.39 8.36 13.55
N GLY A 270 2.32 7.13 13.05
CA GLY A 270 1.15 6.68 12.32
C GLY A 270 1.23 6.89 10.82
N ASN A 271 2.22 7.64 10.33
CA ASN A 271 2.37 7.92 8.91
C ASN A 271 3.28 6.87 8.28
N ALA A 272 3.03 6.58 7.01
CA ALA A 272 3.79 5.56 6.30
C ALA A 272 5.16 6.10 5.89
N TYR A 273 6.09 5.17 5.64
CA TYR A 273 7.29 5.45 4.87
C TYR A 273 6.87 5.64 3.41
N ASN A 274 6.68 6.90 3.00
CA ASN A 274 5.96 7.20 1.77
C ASN A 274 6.90 7.35 0.58
N TYR A 275 7.71 6.31 0.34
CA TYR A 275 8.53 6.29 -0.87
C TYR A 275 7.66 5.91 -2.07
N SER A 276 8.21 6.12 -3.27
CA SER A 276 7.49 5.92 -4.52
C SER A 276 6.25 6.81 -4.58
N ASP A 277 5.38 6.59 -5.56
CA ASP A 277 4.13 7.33 -5.66
C ASP A 277 3.20 6.92 -4.53
N SER A 278 3.27 7.63 -3.41
CA SER A 278 2.57 7.20 -2.20
C SER A 278 2.14 8.41 -1.39
N GLY A 279 1.03 8.23 -0.64
CA GLY A 279 0.64 9.16 0.39
C GLY A 279 1.16 8.76 1.75
N LEU A 280 0.87 9.59 2.75
CA LEU A 280 1.35 9.40 4.12
C LEU A 280 0.36 8.64 4.97
N SER A 281 -0.91 9.02 4.85
CA SER A 281 -1.97 8.44 5.64
C SER A 281 -2.48 7.19 4.95
N GLY A 282 -2.88 6.21 5.76
CA GLY A 282 -3.51 5.04 5.25
C GLY A 282 -4.97 4.99 5.61
N GLU A 283 -5.51 3.78 5.65
CA GLU A 283 -6.85 3.53 6.14
C GLU A 283 -6.85 2.13 6.71
N LEU A 284 -7.94 1.81 7.41
CA LEU A 284 -8.18 0.43 7.84
C LEU A 284 -8.12 -0.50 6.63
N GLN A 285 -7.38 -1.60 6.77
CA GLN A 285 -7.17 -2.58 5.70
C GLN A 285 -7.80 -3.91 6.08
N PRO A 286 -9.04 -4.18 5.67
CA PRO A 286 -9.67 -5.47 5.99
C PRO A 286 -8.82 -6.69 5.62
N ALA A 287 -8.04 -6.61 4.54
CA ALA A 287 -7.21 -7.74 4.13
C ALA A 287 -6.19 -8.12 5.19
N MET A 288 -5.73 -7.16 5.99
CA MET A 288 -4.83 -7.50 7.10
C MET A 288 -5.46 -8.51 8.05
N PHE A 289 -6.79 -8.44 8.23
CA PHE A 289 -7.43 -9.39 9.13
C PHE A 289 -7.47 -10.78 8.50
N TRP A 290 -7.58 -10.88 7.17
CA TRP A 290 -7.44 -12.20 6.55
C TRP A 290 -6.05 -12.78 6.76
N PHE A 291 -5.00 -11.98 6.52
CA PHE A 291 -3.64 -12.50 6.73
C PHE A 291 -3.46 -12.96 8.17
N ALA A 292 -3.97 -12.19 9.14
CA ALA A 292 -3.80 -12.54 10.54
C ALA A 292 -4.58 -13.80 10.91
N LYS A 293 -5.69 -14.05 10.21
CA LYS A 293 -6.46 -15.28 10.42
C LYS A 293 -5.75 -16.47 9.78
N LYS A 294 -5.33 -16.33 8.52
CA LYS A 294 -4.65 -17.41 7.82
C LYS A 294 -3.37 -17.82 8.55
N LEU A 295 -2.65 -16.84 9.09
CA LEU A 295 -1.39 -17.09 9.78
C LEU A 295 -1.55 -17.33 11.28
N ASN A 296 -2.77 -17.22 11.80
CA ASN A 296 -3.02 -17.26 13.24
C ASN A 296 -2.01 -16.38 13.98
N ASP A 297 -1.93 -15.13 13.55
CA ASP A 297 -0.92 -14.21 14.06
C ASP A 297 -1.57 -12.85 14.27
N PRO A 298 -2.21 -12.65 15.43
CA PRO A 298 -2.85 -11.35 15.71
C PRO A 298 -1.86 -10.23 15.89
N SER A 299 -0.59 -10.52 16.18
CA SER A 299 0.40 -9.45 16.31
C SER A 299 0.63 -8.70 15.00
N LEU A 300 0.12 -9.21 13.87
CA LEU A 300 0.17 -8.47 12.62
C LEU A 300 -0.79 -7.28 12.60
N LEU A 301 -1.67 -7.17 13.59
CA LEU A 301 -2.77 -6.23 13.56
C LEU A 301 -2.53 -5.02 14.47
N TRP A 302 -1.29 -4.79 14.90
CA TRP A 302 -1.02 -3.75 15.90
C TRP A 302 -1.37 -2.36 15.38
N VAL A 303 -1.12 -2.10 14.09
CA VAL A 303 -1.50 -0.80 13.51
C VAL A 303 -3.00 -0.72 13.26
N GLU A 304 -3.60 -1.80 12.73
CA GLU A 304 -5.04 -1.81 12.52
C GLU A 304 -5.79 -1.64 13.84
N ARG A 305 -5.24 -2.19 14.92
CA ARG A 305 -5.82 -1.99 16.25
C ARG A 305 -6.00 -0.52 16.57
N SER A 306 -4.97 0.29 16.33
CA SER A 306 -5.07 1.72 16.56
C SER A 306 -6.17 2.36 15.71
N ARG A 307 -6.29 1.95 14.46
CA ARG A 307 -7.35 2.48 13.61
C ARG A 307 -8.72 2.08 14.13
N LEU A 308 -8.88 0.82 14.53
CA LEU A 308 -10.19 0.36 15.02
C LEU A 308 -10.56 1.03 16.34
N MET A 309 -9.56 1.28 17.20
CA MET A 309 -9.90 1.79 18.51
C MET A 309 -10.10 3.29 18.50
N ASN A 310 -9.23 4.03 17.81
CA ASN A 310 -9.19 5.48 17.94
C ASN A 310 -10.00 6.20 16.87
N SER A 311 -10.03 5.67 15.64
CA SER A 311 -10.57 6.44 14.52
C SER A 311 -12.07 6.63 14.65
N ASN A 312 -12.54 7.76 14.15
CA ASN A 312 -13.96 7.96 13.90
C ASN A 312 -14.45 6.85 12.97
N PRO A 313 -15.46 6.07 13.37
CA PRO A 313 -15.94 5.00 12.48
C PRO A 313 -16.43 5.50 11.13
N GLN A 314 -16.74 6.79 11.00
CA GLN A 314 -17.12 7.32 9.70
C GLN A 314 -16.00 7.19 8.69
N ASN A 315 -14.75 7.26 9.15
CA ASN A 315 -13.62 7.00 8.27
C ASN A 315 -13.69 5.58 7.71
N HIS A 316 -14.11 4.62 8.54
CA HIS A 316 -14.15 3.23 8.08
C HIS A 316 -15.31 2.97 7.13
N LEU A 317 -16.38 3.77 7.24
CA LEU A 317 -17.60 3.53 6.48
C LEU A 317 -17.51 3.97 5.03
N ARG A 318 -16.35 4.44 4.58
CA ARG A 318 -16.11 4.61 3.16
C ARG A 318 -15.46 3.38 2.54
N ASN A 319 -15.04 2.42 3.37
CA ASN A 319 -14.29 1.27 2.88
C ASN A 319 -15.26 0.24 2.30
N ARG A 320 -15.15 -0.02 0.99
CA ARG A 320 -16.13 -0.88 0.33
C ARG A 320 -15.99 -2.35 0.71
N LEU A 321 -14.86 -2.75 1.33
CA LEU A 321 -14.67 -4.11 1.78
C LEU A 321 -14.83 -4.26 3.29
N LEU A 322 -15.31 -3.23 3.98
CA LEU A 322 -15.36 -3.24 5.45
C LEU A 322 -15.98 -4.49 6.08
N PRO A 323 -17.14 -5.00 5.61
CA PRO A 323 -17.69 -6.21 6.26
C PRO A 323 -16.72 -7.39 6.31
N ALA A 324 -15.79 -7.48 5.35
CA ALA A 324 -14.81 -8.56 5.36
C ALA A 324 -13.91 -8.51 6.58
N ALA A 325 -13.66 -7.31 7.12
CA ALA A 325 -12.86 -7.22 8.34
C ALA A 325 -13.55 -7.98 9.46
N LEU A 326 -14.87 -7.86 9.56
CA LEU A 326 -15.63 -8.62 10.55
C LEU A 326 -15.69 -10.11 10.20
N LEU A 327 -15.87 -10.46 8.92
CA LEU A 327 -15.82 -11.86 8.51
C LEU A 327 -14.52 -12.52 8.93
N TRP A 328 -13.40 -11.81 8.81
CA TRP A 328 -12.09 -12.34 9.12
C TRP A 328 -11.64 -12.02 10.55
N SER A 329 -12.56 -11.56 11.42
CA SER A 329 -12.15 -11.08 12.74
C SER A 329 -11.55 -12.20 13.58
N ASN A 330 -12.01 -13.44 13.40
CA ASN A 330 -11.34 -14.63 13.93
C ASN A 330 -11.26 -14.62 15.45
N GLY A 331 -12.23 -14.01 16.10
CA GLY A 331 -12.21 -13.93 17.55
C GLY A 331 -11.11 -13.05 18.14
N VAL A 332 -10.42 -12.26 17.32
CA VAL A 332 -9.33 -11.43 17.82
C VAL A 332 -9.89 -10.41 18.81
N LYS A 333 -9.26 -10.33 19.98
CA LYS A 333 -9.62 -9.37 21.01
C LYS A 333 -8.72 -8.14 20.83
N VAL A 334 -9.30 -7.06 20.32
CA VAL A 334 -8.51 -5.94 19.82
C VAL A 334 -7.78 -5.22 20.95
N ALA A 335 -8.53 -4.79 21.98
CA ALA A 335 -7.97 -3.93 23.01
C ALA A 335 -6.86 -4.61 23.79
N GLN A 336 -6.94 -5.93 23.96
CA GLN A 336 -5.99 -6.67 24.77
C GLN A 336 -4.88 -7.28 23.93
N MET A 337 -4.73 -6.84 22.70
CA MET A 337 -3.67 -7.32 21.82
C MET A 337 -2.30 -7.00 22.42
N ASN A 338 -1.33 -7.87 22.12
CA ASN A 338 0.05 -7.61 22.48
C ASN A 338 0.77 -7.00 21.29
N ALA A 339 1.72 -6.12 21.57
CA ALA A 339 2.54 -5.52 20.53
C ALA A 339 3.43 -6.59 19.88
N PRO A 340 3.88 -6.36 18.65
CA PRO A 340 4.77 -7.33 18.02
C PRO A 340 6.09 -7.42 18.78
N LYS A 341 6.68 -8.61 18.79
CA LYS A 341 7.97 -8.76 19.47
C LYS A 341 9.11 -8.24 18.61
N GLU A 342 8.99 -8.29 17.29
CA GLU A 342 10.08 -7.86 16.39
C GLU A 342 9.89 -6.40 16.01
N ALA A 343 10.94 -5.61 16.23
CA ALA A 343 10.92 -4.19 15.94
C ALA A 343 11.67 -3.84 14.66
N MET A 344 12.06 -4.85 13.88
CA MET A 344 12.72 -4.59 12.61
C MET A 344 12.17 -5.53 11.56
N TRP A 345 11.97 -5.00 10.36
CA TRP A 345 11.47 -5.79 9.24
C TRP A 345 12.32 -5.46 8.02
N VAL A 346 12.84 -6.50 7.37
CA VAL A 346 13.66 -6.34 6.18
C VAL A 346 13.13 -7.26 5.09
N GLY A 347 13.10 -6.76 3.86
CA GLY A 347 12.69 -7.58 2.73
C GLY A 347 13.45 -7.24 1.47
N GLU A 348 13.73 -8.26 0.66
CA GLU A 348 14.39 -8.06 -0.63
C GLU A 348 13.36 -7.92 -1.75
N GLY A 349 13.67 -8.43 -2.93
CA GLY A 349 12.76 -8.28 -4.07
C GLY A 349 13.08 -7.03 -4.87
N LYS A 350 12.13 -6.64 -5.72
CA LYS A 350 12.41 -5.55 -6.67
C LYS A 350 12.62 -4.21 -5.96
N THR A 351 11.92 -3.98 -4.85
CA THR A 351 12.13 -2.77 -4.04
C THR A 351 12.45 -3.21 -2.62
N PRO A 352 13.72 -3.47 -2.31
CA PRO A 352 14.09 -3.90 -0.96
C PRO A 352 13.95 -2.75 0.02
N VAL A 353 13.57 -3.08 1.26
CA VAL A 353 13.39 -2.08 2.30
C VAL A 353 13.86 -2.64 3.63
N ALA A 354 14.24 -1.73 4.53
CA ALA A 354 14.51 -2.05 5.93
C ALA A 354 13.76 -1.06 6.79
N LEU A 355 13.03 -1.56 7.78
CA LEU A 355 12.12 -0.76 8.59
C LEU A 355 12.48 -1.04 10.05
N MET A 356 13.07 -0.05 10.72
CA MET A 356 13.69 -0.24 12.04
C MET A 356 13.13 0.73 13.05
N ARG A 357 12.81 0.24 14.25
CA ARG A 357 12.36 1.13 15.32
C ARG A 357 12.88 0.60 16.65
N THR A 358 13.00 1.53 17.62
CA THR A 358 13.50 1.15 18.93
C THR A 358 12.40 0.57 19.81
N SER A 359 11.13 0.76 19.44
CA SER A 359 10.02 0.30 20.25
C SER A 359 8.75 0.40 19.42
N TRP A 360 7.85 -0.58 19.61
CA TRP A 360 6.51 -0.53 19.05
C TRP A 360 5.53 0.18 19.97
N THR A 361 5.88 0.35 21.25
CA THR A 361 4.97 0.95 22.22
C THR A 361 5.31 2.38 22.58
N ASP A 362 6.57 2.79 22.49
CA ASP A 362 6.97 4.15 22.87
C ASP A 362 6.71 5.12 21.72
N PRO A 363 5.80 6.08 21.86
CA PRO A 363 5.53 6.99 20.74
C PRO A 363 6.72 7.89 20.40
N ALA A 364 7.69 8.04 21.30
CA ALA A 364 8.89 8.81 21.02
C ALA A 364 9.99 7.99 20.36
N ALA A 365 9.70 6.75 19.98
CA ALA A 365 10.73 5.85 19.48
C ALA A 365 11.41 6.43 18.24
N ILE A 366 12.70 6.09 18.09
CA ILE A 366 13.43 6.31 16.85
C ILE A 366 12.95 5.31 15.81
N PHE A 367 12.70 5.79 14.60
CA PHE A 367 12.32 4.94 13.47
C PHE A 367 13.13 5.36 12.26
N VAL A 368 13.61 4.37 11.51
CA VAL A 368 14.26 4.59 10.22
C VAL A 368 13.66 3.64 9.22
N GLY A 369 13.17 4.17 8.10
CA GLY A 369 12.86 3.39 6.93
C GLY A 369 13.80 3.78 5.83
N MET A 370 14.40 2.77 5.20
CA MET A 370 15.35 2.99 4.12
C MET A 370 15.08 1.98 3.01
N LYS A 371 15.53 2.29 1.80
CA LYS A 371 15.20 1.44 0.67
C LYS A 371 16.39 1.33 -0.28
N GLY A 372 16.46 0.17 -0.94
CA GLY A 372 17.28 -0.04 -2.12
C GLY A 372 16.45 0.11 -3.38
N GLY A 373 16.69 -0.77 -4.36
CA GLY A 373 15.83 -0.82 -5.52
C GLY A 373 16.28 -0.02 -6.73
N SER A 374 15.32 0.39 -7.56
CA SER A 374 15.59 0.96 -8.87
C SER A 374 14.62 2.10 -9.16
N PRO A 375 15.09 3.19 -9.76
CA PRO A 375 14.16 4.24 -10.21
C PRO A 375 13.27 3.80 -11.36
N GLY A 376 13.63 2.73 -12.08
CA GLY A 376 12.86 2.24 -13.21
C GLY A 376 11.66 1.39 -12.84
N THR A 377 11.56 1.02 -11.56
CA THR A 377 10.43 0.24 -11.09
C THR A 377 9.12 1.04 -11.22
N SER A 378 8.03 0.33 -11.47
CA SER A 378 6.73 0.98 -11.57
C SER A 378 6.50 1.88 -10.36
N HIS A 379 6.10 3.12 -10.62
CA HIS A 379 5.80 4.16 -9.63
C HIS A 379 7.02 4.61 -8.82
N ALA A 380 8.23 4.31 -9.27
CA ALA A 380 9.40 4.62 -8.46
C ALA A 380 9.84 6.06 -8.63
N HIS A 381 10.64 6.53 -7.67
CA HIS A 381 11.35 7.80 -7.72
C HIS A 381 12.84 7.53 -7.71
N MET A 382 13.63 8.55 -8.05
CA MET A 382 15.09 8.46 -7.95
C MET A 382 15.45 8.72 -6.49
N ASP A 383 15.26 7.70 -5.68
CA ASP A 383 15.31 7.79 -4.23
C ASP A 383 16.16 6.66 -3.64
N VAL A 384 16.93 5.97 -4.47
CA VAL A 384 17.53 4.71 -4.05
C VAL A 384 18.62 5.00 -3.02
N GLY A 385 18.56 4.32 -1.88
CA GLY A 385 19.41 4.63 -0.76
C GLY A 385 18.87 5.66 0.19
N SER A 386 17.73 6.30 -0.13
CA SER A 386 17.19 7.32 0.76
C SER A 386 16.46 6.67 1.94
N PHE A 387 16.03 7.53 2.86
CA PHE A 387 15.44 7.10 4.12
C PHE A 387 14.52 8.18 4.66
N VAL A 388 13.66 7.77 5.58
CA VAL A 388 12.96 8.70 6.45
C VAL A 388 13.35 8.38 7.87
N MET A 389 13.24 9.38 8.74
CA MET A 389 13.64 9.20 10.12
C MET A 389 12.74 9.97 11.05
N GLU A 390 12.30 9.32 12.13
CA GLU A 390 11.48 9.92 13.17
C GLU A 390 12.16 9.71 14.51
N ALA A 391 11.83 10.58 15.46
CA ALA A 391 12.29 10.49 16.84
C ALA A 391 11.55 11.55 17.65
N ASP A 392 11.24 11.21 18.90
CA ASP A 392 10.59 12.14 19.82
C ASP A 392 9.27 12.66 19.27
N GLY A 393 8.59 11.84 18.46
CA GLY A 393 7.30 12.20 17.91
C GLY A 393 7.32 13.08 16.68
N VAL A 394 8.49 13.28 16.07
CA VAL A 394 8.64 14.18 14.93
C VAL A 394 9.35 13.46 13.80
N ARG A 395 8.86 13.64 12.57
CA ARG A 395 9.59 13.17 11.39
C ARG A 395 10.61 14.23 11.00
N TRP A 396 11.89 13.89 11.15
CA TRP A 396 12.98 14.84 10.90
C TRP A 396 13.49 14.77 9.48
N ALA A 397 13.54 13.57 8.90
CA ALA A 397 13.99 13.37 7.53
C ALA A 397 12.82 12.76 6.77
N MET A 398 12.37 13.44 5.73
CA MET A 398 11.10 13.15 5.10
C MET A 398 11.27 12.85 3.61
N ASP A 399 10.17 12.43 3.01
CA ASP A 399 10.05 12.11 1.60
C ASP A 399 8.84 12.87 1.10
N PHE A 400 8.99 13.60 -0.03
CA PHE A 400 7.90 14.43 -0.53
C PHE A 400 6.65 13.62 -0.88
N GLY A 401 6.80 12.34 -1.19
CA GLY A 401 5.65 11.55 -1.62
C GLY A 401 5.26 11.79 -3.08
N MET A 402 4.04 11.37 -3.42
CA MET A 402 3.57 11.57 -4.78
C MET A 402 3.20 13.04 -5.01
N GLN A 403 2.97 13.38 -6.27
CA GLN A 403 2.28 14.60 -6.66
C GLN A 403 1.02 14.20 -7.43
N GLU A 404 -0.06 14.98 -7.26
CA GLU A 404 -1.33 14.65 -7.88
C GLU A 404 -1.17 14.44 -9.38
N TYR A 405 -1.69 13.31 -9.87
CA TYR A 405 -1.46 12.92 -11.26
C TYR A 405 -2.23 13.81 -12.24
N GLU A 406 -3.46 14.20 -11.88
CA GLU A 406 -4.37 14.77 -12.89
C GLU A 406 -3.81 16.05 -13.48
N SER A 407 -3.35 16.97 -12.64
CA SER A 407 -2.80 18.22 -13.13
C SER A 407 -1.57 17.99 -13.99
N LEU A 408 -0.69 17.08 -13.56
CA LEU A 408 0.49 16.78 -14.35
C LEU A 408 0.10 16.25 -15.73
N GLU A 409 -0.86 15.32 -15.77
CA GLU A 409 -1.28 14.77 -17.06
C GLU A 409 -1.98 15.83 -17.90
N SER A 410 -2.84 16.63 -17.30
CA SER A 410 -3.56 17.65 -18.05
C SER A 410 -2.60 18.69 -18.64
N LYS A 411 -1.47 18.93 -17.97
CA LYS A 411 -0.45 19.85 -18.47
C LYS A 411 0.40 19.24 -19.57
N GLY A 412 0.25 17.94 -19.86
CA GLY A 412 1.04 17.30 -20.88
C GLY A 412 2.38 16.75 -20.42
N VAL A 413 2.62 16.68 -19.11
CA VAL A 413 3.87 16.12 -18.60
C VAL A 413 3.92 14.62 -18.88
N ASP A 414 5.06 14.16 -19.38
CA ASP A 414 5.28 12.75 -19.67
C ASP A 414 5.53 11.97 -18.38
N LEU A 415 4.49 11.92 -17.54
CA LEU A 415 4.62 11.45 -16.16
C LEU A 415 4.96 9.96 -16.07
N TRP A 416 4.49 9.15 -17.01
CA TRP A 416 4.60 7.71 -16.86
C TRP A 416 5.75 7.10 -17.65
N ASN A 417 6.55 7.92 -18.32
CA ASN A 417 7.76 7.47 -18.97
C ASN A 417 8.85 7.30 -17.91
N MET A 418 9.42 6.10 -17.80
CA MET A 418 10.42 5.81 -16.78
C MET A 418 11.86 5.84 -17.29
N LYS A 419 12.06 6.18 -18.57
CA LYS A 419 13.40 6.15 -19.14
C LYS A 419 14.26 7.28 -18.56
N GLN A 420 15.57 7.19 -18.82
CA GLN A 420 16.53 8.10 -18.20
C GLN A 420 16.22 9.56 -18.55
N ASN A 421 15.88 9.83 -19.81
CA ASN A 421 15.68 11.20 -20.27
C ASN A 421 14.22 11.63 -20.15
N SER A 422 13.41 10.89 -19.40
CA SER A 422 11.98 11.19 -19.33
C SER A 422 11.72 12.49 -18.56
N GLN A 423 10.69 13.21 -18.98
CA GLN A 423 10.26 14.41 -18.26
C GLN A 423 9.79 14.09 -16.84
N ARG A 424 9.46 12.82 -16.56
CA ARG A 424 9.12 12.43 -15.18
C ARG A 424 10.19 12.90 -14.20
N TRP A 425 11.46 12.81 -14.59
CA TRP A 425 12.53 13.13 -13.65
C TRP A 425 12.83 14.61 -13.58
N GLN A 426 12.13 15.43 -14.38
CA GLN A 426 12.13 16.87 -14.23
C GLN A 426 11.05 17.34 -13.24
N ILE A 427 10.29 16.41 -12.68
CA ILE A 427 9.37 16.73 -11.59
C ILE A 427 10.18 16.76 -10.31
N LEU A 428 10.23 17.93 -9.66
CA LEU A 428 11.09 18.14 -8.50
C LEU A 428 10.94 17.01 -7.49
N ARG A 429 9.71 16.68 -7.14
CA ARG A 429 9.48 15.70 -6.09
C ARG A 429 9.96 14.29 -6.45
N TYR A 430 10.34 14.05 -7.71
CA TYR A 430 10.59 12.69 -8.16
C TYR A 430 12.06 12.35 -8.39
N ASN A 431 12.96 13.32 -8.37
CA ASN A 431 14.37 13.03 -8.65
C ASN A 431 15.21 13.09 -7.39
N ASN A 432 16.49 12.73 -7.52
CA ASN A 432 17.31 12.49 -6.34
C ASN A 432 17.74 13.77 -5.64
N PHE A 433 17.67 14.93 -6.31
CA PHE A 433 18.02 16.17 -5.61
C PHE A 433 17.02 16.55 -4.53
N ALA A 434 15.88 15.88 -4.46
CA ALA A 434 14.89 16.12 -3.43
C ALA A 434 14.67 14.92 -2.51
N HIS A 435 15.56 13.93 -2.53
CA HIS A 435 15.47 12.77 -1.66
C HIS A 435 16.75 12.64 -0.82
N ASN A 436 16.64 11.86 0.27
CA ASN A 436 17.70 11.79 1.27
C ASN A 436 18.76 10.75 0.87
N THR A 437 19.43 11.04 -0.23
CA THR A 437 20.45 10.16 -0.79
C THR A 437 21.45 11.01 -1.54
N LEU A 438 22.38 10.36 -2.24
CA LEU A 438 23.49 11.06 -2.87
C LEU A 438 23.12 11.48 -4.29
N SER A 439 23.66 12.63 -4.71
CA SER A 439 23.70 13.03 -6.10
C SER A 439 25.16 13.27 -6.45
N ILE A 440 25.64 12.64 -7.52
CA ILE A 440 27.06 12.70 -7.87
C ILE A 440 27.20 13.40 -9.21
N ASN A 441 28.11 14.37 -9.26
CA ASN A 441 28.42 15.13 -10.49
C ASN A 441 27.19 15.84 -11.05
N ASP A 442 26.25 16.24 -10.18
CA ASP A 442 25.03 16.94 -10.59
C ASP A 442 24.19 16.10 -11.56
N GLU A 443 24.24 14.77 -11.41
CA GLU A 443 23.53 13.88 -12.32
C GLU A 443 22.32 13.24 -11.64
N LEU A 444 21.33 12.88 -12.46
CA LEU A 444 20.27 12.03 -12.00
C LEU A 444 20.83 10.64 -11.68
N GLN A 445 20.11 9.92 -10.81
CA GLN A 445 20.39 8.50 -10.63
C GLN A 445 20.14 7.74 -11.93
N ALA A 446 20.88 6.64 -12.11
CA ALA A 446 20.68 5.77 -13.25
C ALA A 446 19.39 4.98 -13.08
N VAL A 447 18.45 5.11 -14.03
CA VAL A 447 17.20 4.36 -13.91
C VAL A 447 17.44 2.87 -14.04
N ASP A 448 18.48 2.46 -14.77
CA ASP A 448 18.85 1.05 -14.86
C ASP A 448 19.55 0.54 -13.61
N GLY A 449 19.90 1.42 -12.68
CA GLY A 449 20.50 0.98 -11.43
C GLY A 449 19.54 0.16 -10.60
N LYS A 450 20.10 -0.81 -9.87
CA LYS A 450 19.33 -1.68 -8.98
C LYS A 450 20.19 -1.95 -7.76
N ALA A 451 19.83 -1.36 -6.63
CA ALA A 451 20.61 -1.49 -5.41
C ALA A 451 20.08 -2.67 -4.56
N PRO A 452 20.85 -3.73 -4.38
CA PRO A 452 20.42 -4.79 -3.46
C PRO A 452 20.72 -4.42 -2.02
N LEU A 453 19.91 -4.97 -1.14
CA LEU A 453 20.20 -5.00 0.29
C LEU A 453 21.25 -6.08 0.53
N THR A 454 22.44 -5.70 1.00
CA THR A 454 23.53 -6.66 1.12
C THR A 454 23.67 -7.25 2.51
N ALA A 455 23.18 -6.57 3.54
CA ALA A 455 23.42 -7.04 4.91
C ALA A 455 22.51 -6.25 5.85
N HIS A 456 22.21 -6.86 6.99
CA HIS A 456 21.40 -6.16 7.98
C HIS A 456 21.56 -6.87 9.32
N SER A 457 21.17 -6.16 10.39
CA SER A 457 21.16 -6.74 11.72
C SER A 457 20.10 -6.04 12.55
N SER A 458 19.40 -6.80 13.40
CA SER A 458 18.47 -6.23 14.37
C SER A 458 19.09 -6.10 15.75
N SER A 459 20.40 -6.30 15.87
CA SER A 459 21.09 -6.16 17.14
C SER A 459 20.66 -4.89 17.85
N ALA A 460 20.34 -5.03 19.15
CA ALA A 460 19.61 -3.98 19.86
C ALA A 460 20.33 -2.64 19.82
N ASN A 461 21.67 -2.65 19.94
CA ASN A 461 22.45 -1.42 20.01
C ASN A 461 23.04 -1.00 18.68
N PHE A 462 22.75 -1.75 17.61
CA PHE A 462 23.32 -1.45 16.31
C PHE A 462 22.41 -2.03 15.23
N MET A 463 21.14 -1.63 15.23
CA MET A 463 20.23 -2.08 14.18
C MET A 463 20.62 -1.39 12.88
N ASN A 464 20.77 -2.16 11.80
CA ASN A 464 21.28 -1.52 10.59
C ASN A 464 20.89 -2.29 9.34
N ALA A 465 21.02 -1.62 8.20
CA ALA A 465 20.91 -2.27 6.92
C ALA A 465 21.84 -1.56 5.94
N GLN A 466 22.32 -2.31 4.95
CA GLN A 466 23.28 -1.80 3.98
C GLN A 466 22.79 -2.11 2.57
N VAL A 467 22.95 -1.14 1.65
CA VAL A 467 22.60 -1.34 0.25
C VAL A 467 23.77 -0.93 -0.63
N ASP A 468 23.94 -1.66 -1.74
CA ASP A 468 25.02 -1.36 -2.68
C ASP A 468 24.47 -0.42 -3.75
N LEU A 469 24.89 0.84 -3.71
CA LEU A 469 24.37 1.88 -4.60
C LEU A 469 25.20 2.04 -5.87
N SER A 470 26.20 1.20 -6.11
CA SER A 470 27.16 1.47 -7.17
C SER A 470 26.49 1.62 -8.53
N SER A 471 25.48 0.78 -8.84
CA SER A 471 24.91 0.84 -10.18
C SER A 471 24.06 2.09 -10.40
N LEU A 472 23.71 2.81 -9.34
CA LEU A 472 22.95 4.04 -9.49
C LEU A 472 23.85 5.19 -9.91
N TYR A 473 25.17 5.04 -9.75
CA TYR A 473 26.15 6.08 -10.05
C TYR A 473 27.26 5.50 -10.91
N LYS A 474 26.87 4.56 -11.78
CA LYS A 474 27.81 3.70 -12.52
C LYS A 474 28.81 4.51 -13.33
N GLN A 475 28.38 5.63 -13.92
CA GLN A 475 29.23 6.37 -14.83
C GLN A 475 30.13 7.39 -14.14
N SER A 476 29.94 7.63 -12.83
CA SER A 476 30.69 8.66 -12.13
C SER A 476 31.64 8.14 -11.06
N ILE A 477 31.37 6.98 -10.46
CA ILE A 477 32.24 6.40 -9.43
C ILE A 477 32.41 4.91 -9.68
N ALA A 478 33.37 4.32 -8.98
CA ALA A 478 33.61 2.89 -9.11
C ALA A 478 32.75 2.06 -8.15
N LYS A 479 32.52 2.55 -6.93
CA LYS A 479 31.77 1.79 -5.95
C LYS A 479 31.16 2.74 -4.92
N ALA A 480 29.95 2.42 -4.48
CA ALA A 480 29.27 3.20 -3.45
C ALA A 480 28.40 2.27 -2.64
N ASN A 481 28.62 2.22 -1.33
CA ASN A 481 27.78 1.45 -0.44
C ASN A 481 27.29 2.36 0.69
N ARG A 482 26.05 2.17 1.11
CA ARG A 482 25.49 2.98 2.19
C ARG A 482 24.94 2.06 3.28
N GLY A 483 25.32 2.36 4.52
CA GLY A 483 24.69 1.77 5.69
C GLY A 483 23.98 2.84 6.49
N ILE A 484 22.81 2.48 7.03
CA ILE A 484 22.11 3.34 7.99
C ILE A 484 21.82 2.50 9.22
N ALA A 485 22.12 3.04 10.40
CA ALA A 485 21.96 2.29 11.63
C ALA A 485 21.32 3.14 12.72
N VAL A 486 20.58 2.48 13.59
CA VAL A 486 20.14 3.03 14.87
C VAL A 486 21.10 2.49 15.93
N VAL A 487 21.80 3.38 16.62
CA VAL A 487 22.92 3.01 17.49
C VAL A 487 22.55 3.37 18.93
N ASP A 488 22.78 2.42 19.85
CA ASP A 488 22.58 2.59 21.29
C ASP A 488 21.16 3.02 21.64
N LYS A 489 20.20 2.74 20.75
CA LYS A 489 18.83 3.24 20.86
C LYS A 489 18.81 4.75 21.08
N ALA A 490 19.81 5.44 20.57
CA ALA A 490 19.99 6.84 20.93
C ALA A 490 20.14 7.76 19.73
N TYR A 491 20.76 7.29 18.65
CA TYR A 491 20.97 8.14 17.49
C TYR A 491 21.01 7.30 16.21
N VAL A 492 21.03 8.00 15.08
CA VAL A 492 21.07 7.37 13.76
C VAL A 492 22.35 7.80 13.06
N VAL A 493 22.97 6.88 12.33
CA VAL A 493 24.15 7.18 11.55
C VAL A 493 23.90 6.79 10.11
N VAL A 494 24.21 7.70 9.20
CA VAL A 494 24.18 7.46 7.76
C VAL A 494 25.61 7.42 7.29
N GLN A 495 26.04 6.30 6.69
CA GLN A 495 27.44 6.14 6.33
C GLN A 495 27.54 5.72 4.88
N ASP A 496 28.23 6.54 4.09
CA ASP A 496 28.50 6.25 2.69
C ASP A 496 29.99 5.97 2.50
N GLU A 497 30.29 4.87 1.81
CA GLU A 497 31.67 4.52 1.47
C GLU A 497 31.78 4.51 -0.06
N ILE A 498 32.60 5.41 -0.59
CA ILE A 498 32.65 5.68 -2.02
C ILE A 498 34.07 5.46 -2.52
N GLU A 499 34.20 4.67 -3.58
CA GLU A 499 35.47 4.47 -4.26
C GLU A 499 35.41 5.16 -5.61
N THR A 500 36.25 6.16 -5.80
CA THR A 500 36.27 6.86 -7.07
C THR A 500 36.97 6.01 -8.14
N SER A 501 36.60 6.27 -9.39
CA SER A 501 37.29 5.82 -10.60
C SER A 501 38.55 6.65 -10.77
N PRO A 502 39.28 6.52 -11.90
CA PRO A 502 40.42 7.44 -12.14
C PRO A 502 40.03 8.89 -12.35
N ALA A 503 38.74 9.24 -12.27
CA ALA A 503 38.29 10.62 -12.34
C ALA A 503 37.82 11.10 -10.98
N GLU A 504 38.02 12.39 -10.70
CA GLU A 504 37.44 12.94 -9.49
C GLU A 504 35.92 12.98 -9.61
N ALA A 505 35.25 13.10 -8.45
CA ALA A 505 33.80 13.16 -8.41
C ALA A 505 33.35 14.14 -7.34
N THR A 506 32.27 14.86 -7.61
CA THR A 506 31.65 15.72 -6.61
C THR A 506 30.38 15.06 -6.09
N VAL A 507 30.28 14.90 -4.77
CA VAL A 507 29.18 14.19 -4.13
C VAL A 507 28.36 15.18 -3.31
N ARG A 508 27.06 15.24 -3.58
CA ARG A 508 26.14 16.00 -2.75
C ARG A 508 25.40 15.05 -1.82
N TRP A 509 25.45 15.35 -0.52
CA TRP A 509 24.67 14.67 0.51
C TRP A 509 23.47 15.54 0.84
N THR A 510 22.26 14.94 0.80
CA THR A 510 21.01 15.70 0.90
C THR A 510 20.12 15.17 2.03
N LEU A 511 19.52 16.08 2.80
CA LEU A 511 18.45 15.72 3.73
C LEU A 511 17.30 16.70 3.60
N LEU A 512 16.09 16.17 3.41
CA LEU A 512 14.88 16.97 3.27
C LEU A 512 14.10 16.98 4.58
N THR A 513 13.73 18.17 5.05
CA THR A 513 13.08 18.29 6.36
C THR A 513 12.02 19.37 6.33
N SER A 514 11.01 19.22 7.18
CA SER A 514 10.06 20.29 7.43
C SER A 514 10.36 21.03 8.71
N ALA A 515 11.47 20.70 9.39
CA ALA A 515 11.88 21.41 10.57
C ALA A 515 12.59 22.70 10.19
N THR A 516 12.71 23.61 11.17
CA THR A 516 13.52 24.81 10.99
C THR A 516 14.99 24.44 11.11
N VAL A 517 15.82 24.96 10.22
CA VAL A 517 17.22 24.57 10.11
C VAL A 517 18.11 25.74 10.55
N LYS A 518 19.03 25.48 11.49
CA LYS A 518 20.02 26.47 11.92
C LYS A 518 21.39 25.81 11.90
N VAL A 519 22.31 26.40 11.14
CA VAL A 519 23.67 25.88 11.07
C VAL A 519 24.43 26.49 12.24
N THR A 520 24.70 25.69 13.26
CA THR A 520 25.28 26.15 14.52
C THR A 520 26.80 26.02 14.55
N GLY A 521 27.39 25.32 13.58
CA GLY A 521 28.82 25.13 13.50
C GLY A 521 29.14 24.72 12.08
N ALA A 522 30.43 24.66 11.78
CA ALA A 522 30.82 24.28 10.42
C ALA A 522 30.36 22.87 10.06
N ASN A 523 30.24 21.98 11.06
CA ASN A 523 29.84 20.60 10.81
C ASN A 523 28.56 20.23 11.57
N GLN A 524 27.79 21.22 11.99
CA GLN A 524 26.65 20.92 12.85
C GLN A 524 25.46 21.80 12.46
N ALA A 525 24.28 21.17 12.39
CA ALA A 525 23.04 21.89 12.20
C ALA A 525 22.00 21.41 13.21
N GLU A 526 21.17 22.35 13.65
CA GLU A 526 20.10 22.08 14.60
C GLU A 526 18.77 22.17 13.87
N LEU A 527 17.99 21.09 13.93
CA LEU A 527 16.61 21.09 13.43
C LEU A 527 15.67 21.24 14.61
N THR A 528 14.67 22.11 14.46
CA THR A 528 13.71 22.35 15.53
C THR A 528 12.30 22.27 14.95
N LYS A 529 11.42 21.58 15.66
CA LYS A 529 10.05 21.37 15.21
C LYS A 529 9.19 20.85 16.35
N ASP A 530 8.00 21.43 16.51
CA ASP A 530 7.03 21.00 17.53
C ASP A 530 7.66 20.97 18.91
N GLY A 531 8.52 21.95 19.19
CA GLY A 531 9.15 22.02 20.50
C GLY A 531 10.20 20.97 20.75
N LYS A 532 10.63 20.24 19.72
CA LYS A 532 11.68 19.26 19.81
C LYS A 532 12.90 19.72 19.01
N VAL A 533 14.02 19.02 19.23
CA VAL A 533 15.27 19.36 18.56
C VAL A 533 15.97 18.09 18.12
N LEU A 534 16.63 18.16 16.97
CA LEU A 534 17.52 17.11 16.51
C LEU A 534 18.77 17.76 15.95
N THR A 535 19.92 17.18 16.25
CA THR A 535 21.21 17.73 15.83
C THR A 535 21.82 16.87 14.73
N ILE A 536 22.18 17.51 13.63
CA ILE A 536 22.90 16.88 12.53
C ILE A 536 24.38 17.16 12.70
N GLN A 537 25.20 16.11 12.74
CA GLN A 537 26.63 16.28 12.88
C GLN A 537 27.33 15.52 11.77
N VAL A 538 28.11 16.24 10.97
CA VAL A 538 28.91 15.62 9.91
C VAL A 538 30.23 15.21 10.54
N MET A 539 30.42 13.91 10.71
CA MET A 539 31.64 13.39 11.32
C MET A 539 32.75 13.21 10.30
N GLU A 540 32.40 12.78 9.09
CA GLU A 540 33.33 12.63 7.98
C GLU A 540 32.64 13.13 6.72
N PRO A 541 33.33 13.92 5.88
CA PRO A 541 34.67 14.47 6.09
C PRO A 541 34.71 15.47 7.25
N ALA A 542 35.88 15.73 7.81
CA ALA A 542 35.96 16.74 8.86
C ALA A 542 35.69 18.14 8.32
N GLN A 543 36.01 18.38 7.05
CA GLN A 543 35.92 19.71 6.44
C GLN A 543 34.75 19.73 5.47
N ILE A 544 33.67 20.44 5.83
CA ILE A 544 32.54 20.62 4.93
C ILE A 544 32.00 22.03 5.04
N ASP A 545 31.28 22.45 4.01
CA ASP A 545 30.53 23.71 3.98
C ASP A 545 29.05 23.36 3.96
N PHE A 546 28.38 23.52 5.10
CA PHE A 546 26.96 23.22 5.15
C PHE A 546 26.20 24.14 4.20
N LYS A 547 25.20 23.59 3.52
CA LYS A 547 24.40 24.35 2.56
C LYS A 547 22.94 24.03 2.77
N THR A 548 22.08 24.93 2.31
CA THR A 548 20.68 24.59 2.08
C THR A 548 20.36 24.87 0.63
N TRP A 549 19.34 24.17 0.14
CA TRP A 549 18.86 24.39 -1.22
C TRP A 549 17.35 24.60 -1.14
N PRO A 550 16.80 25.42 -2.03
CA PRO A 550 15.36 25.69 -1.99
C PRO A 550 14.53 24.51 -2.48
N THR A 551 13.33 24.38 -1.90
CA THR A 551 12.37 23.39 -2.36
C THR A 551 11.25 24.01 -3.20
N GLU A 552 11.39 25.29 -3.58
CA GLU A 552 10.39 25.96 -4.41
C GLU A 552 10.30 25.29 -5.78
N PRO A 553 9.20 25.47 -6.50
CA PRO A 553 9.09 24.90 -7.84
C PRO A 553 10.23 25.35 -8.75
N VAL A 554 10.65 24.45 -9.63
CA VAL A 554 11.57 24.77 -10.71
C VAL A 554 10.83 24.96 -12.03
N TYR A 555 9.83 24.12 -12.28
CA TYR A 555 8.94 24.24 -13.43
C TYR A 555 7.54 24.56 -12.95
N ASP A 556 6.74 25.13 -13.85
CA ASP A 556 5.40 25.54 -13.45
C ASP A 556 4.48 24.35 -13.17
N PHE A 557 4.90 23.12 -13.47
CA PHE A 557 4.12 21.94 -13.09
C PHE A 557 4.56 21.36 -11.75
N ASP A 558 5.61 21.90 -11.14
CA ASP A 558 5.99 21.48 -9.79
C ASP A 558 5.00 22.02 -8.77
N ALA A 559 4.54 21.15 -7.87
CA ALA A 559 3.66 21.61 -6.80
C ALA A 559 4.47 22.38 -5.75
N PRO A 560 3.85 23.36 -5.09
CA PRO A 560 4.53 24.07 -4.00
C PRO A 560 4.92 23.12 -2.86
N ASN A 561 6.01 23.45 -2.19
CA ASN A 561 6.49 22.68 -1.04
C ASN A 561 6.73 23.59 0.17
N PRO A 562 5.69 24.30 0.63
CA PRO A 562 5.88 25.25 1.72
C PRO A 562 6.35 24.56 3.00
N GLY A 563 7.23 25.25 3.73
CA GLY A 563 7.68 24.78 5.02
C GLY A 563 8.73 23.69 4.99
N THR A 564 9.35 23.44 3.83
CA THR A 564 10.36 22.41 3.71
C THR A 564 11.69 23.03 3.31
N THR A 565 12.76 22.32 3.64
CA THR A 565 14.14 22.74 3.42
C THR A 565 14.98 21.53 3.05
N LEU A 566 15.88 21.71 2.09
CA LEU A 566 16.93 20.74 1.82
C LEU A 566 18.24 21.22 2.44
N VAL A 567 18.87 20.36 3.24
CA VAL A 567 20.12 20.70 3.92
C VAL A 567 21.15 19.64 3.60
N GLY A 568 22.40 20.04 3.54
CA GLY A 568 23.44 19.07 3.25
C GLY A 568 24.75 19.75 2.91
N PHE A 569 25.53 19.08 2.07
CA PHE A 569 26.86 19.56 1.72
C PHE A 569 27.32 18.84 0.46
N GLU A 570 28.40 19.36 -0.11
CA GLU A 570 29.04 18.74 -1.26
C GLU A 570 30.50 18.49 -0.91
N VAL A 571 31.03 17.37 -1.39
CA VAL A 571 32.42 16.98 -1.15
C VAL A 571 33.05 16.61 -2.49
N LYS A 572 34.24 17.12 -2.75
CA LYS A 572 35.00 16.70 -3.92
C LYS A 572 35.89 15.53 -3.54
N LEU A 573 35.74 14.42 -4.25
CA LEU A 573 36.51 13.23 -3.94
C LEU A 573 37.58 13.02 -4.99
N PRO A 574 38.85 12.98 -4.62
CA PRO A 574 39.90 12.80 -5.63
C PRO A 574 39.82 11.42 -6.28
N ALA A 575 40.42 11.36 -7.47
CA ALA A 575 40.52 10.11 -8.20
C ALA A 575 41.22 9.04 -7.36
N ASN A 576 40.81 7.78 -7.56
CA ASN A 576 41.56 6.62 -7.06
C ASN A 576 41.59 6.57 -5.53
N THR A 577 40.52 7.02 -4.89
CA THR A 577 40.47 7.07 -3.43
C THR A 577 39.28 6.29 -2.89
N LYS A 578 39.42 5.86 -1.65
CA LYS A 578 38.32 5.31 -0.87
C LYS A 578 37.98 6.32 0.21
N SER A 579 36.72 6.76 0.25
CA SER A 579 36.33 7.86 1.12
C SER A 579 35.10 7.46 1.92
N VAL A 580 34.91 8.11 3.06
CA VAL A 580 33.74 7.91 3.90
C VAL A 580 33.04 9.24 4.10
N ILE A 581 31.72 9.24 3.95
CA ILE A 581 30.86 10.31 4.43
C ILE A 581 30.07 9.72 5.59
N GLN A 582 30.13 10.35 6.76
CA GLN A 582 29.38 9.89 7.92
C GLN A 582 28.66 11.04 8.60
N VAL A 583 27.34 10.90 8.75
CA VAL A 583 26.49 11.92 9.35
C VAL A 583 25.67 11.25 10.45
N THR A 584 25.61 11.88 11.63
CA THR A 584 24.80 11.39 12.73
C THR A 584 23.59 12.30 12.95
N LEU A 585 22.47 11.69 13.32
CA LEU A 585 21.23 12.41 13.63
C LEU A 585 20.84 12.06 15.06
N THR A 586 20.95 13.03 15.95
CA THR A 586 20.79 12.76 17.38
C THR A 586 19.63 13.55 17.95
N PRO A 587 18.56 12.90 18.38
CA PRO A 587 17.44 13.60 18.99
C PRO A 587 17.88 14.35 20.25
N GLY A 588 17.18 15.44 20.54
CA GLY A 588 17.45 16.19 21.75
C GLY A 588 17.20 15.38 23.01
N SER A 589 16.31 14.38 22.94
CA SER A 589 16.15 13.42 24.02
C SER A 589 17.41 12.60 24.28
N SER A 590 18.36 12.62 23.35
CA SER A 590 19.57 11.81 23.45
C SER A 590 20.82 12.62 23.82
#